data_2I5E
#
_entry.id   2I5E
#
_cell.length_a   43.797
_cell.length_b   100.482
_cell.length_c   54.877
_cell.angle_alpha   90.00
_cell.angle_beta   106.15
_cell.angle_gamma   90.00
#
_symmetry.space_group_name_H-M   'P 1 21 1'
#
loop_
_entity.id
_entity.type
_entity.pdbx_description
1 polymer 'Hypothetical protein MM_2497'
2 non-polymer 2-AMINO-2-HYDROXYMETHYL-PROPANE-1,3-DIOL
3 non-polymer DI(HYDROXYETHYL)ETHER
4 water water
#
_entity_poly.entity_id   1
_entity_poly.type   'polypeptide(L)'
_entity_poly.pdbx_seq_one_letter_code
;SNA(MSE)RAVIPYKKAGAKSRLSPVLSLQEREEFVEL(MSE)LNQVISSLKGAGIEQVDILSPSVYGLEE(MSE)TEAR
VLLDEKDLNEALNRYLKEAEEPVLIV(MSE)ADLPLLSPEHIKEISSTEKDVCIVPGKGGGTNALFIKNPSKYRVKYYGS
SFLTHCSIATDSGQDFEIYDSF(MSE)AGTDIDEPEDLVELLIHGKGAAKDYIESKFRLEVKKGRVGLVPL
;
_entity_poly.pdbx_strand_id   A,B
#
loop_
_chem_comp.id
_chem_comp.type
_chem_comp.name
_chem_comp.formula
PEG non-polymer DI(HYDROXYETHYL)ETHER 'C4 H10 O3'
TRS non-polymer 2-AMINO-2-HYDROXYMETHYL-PROPANE-1,3-DIOL 'C4 H12 N O3 1'
#
# COMPACT_ATOMS: atom_id res chain seq x y z
N ASN A 2 -3.19 -5.52 30.36
CA ASN A 2 -2.25 -5.71 29.22
C ASN A 2 -2.63 -6.88 28.27
N ALA A 3 -3.56 -7.73 28.73
CA ALA A 3 -3.93 -8.97 28.00
C ALA A 3 -4.88 -8.70 26.79
N MSE A 4 -5.16 -9.74 26.02
CA MSE A 4 -5.73 -9.58 24.69
C MSE A 4 -5.72 -10.93 23.95
O MSE A 4 -4.80 -11.78 24.13
CB MSE A 4 -4.98 -8.54 23.82
CG MSE A 4 -3.59 -8.98 23.30
SE MSE A 4 -2.72 -7.76 22.02
CE MSE A 4 -3.78 -8.39 20.49
N ARG A 5 -6.75 -11.08 23.12
CA ARG A 5 -6.87 -12.22 22.23
C ARG A 5 -6.67 -11.84 20.72
N ALA A 6 -6.21 -12.79 19.93
CA ALA A 6 -6.09 -12.55 18.51
C ALA A 6 -6.73 -13.72 17.83
N VAL A 7 -7.53 -13.42 16.77
CA VAL A 7 -8.28 -14.37 15.94
C VAL A 7 -7.94 -14.16 14.44
N ILE A 8 -7.82 -15.27 13.74
CA ILE A 8 -7.52 -15.35 12.32
C ILE A 8 -8.63 -16.16 11.69
N PRO A 9 -9.53 -15.53 10.95
CA PRO A 9 -10.52 -16.19 10.06
C PRO A 9 -9.79 -16.95 8.96
N TYR A 10 -10.05 -18.24 8.81
CA TYR A 10 -9.29 -19.06 7.87
C TYR A 10 -10.14 -20.24 7.33
N LYS A 11 -10.09 -20.49 6.03
CA LYS A 11 -10.66 -21.70 5.44
C LYS A 11 -9.73 -22.13 4.33
N LYS A 12 -9.05 -23.27 4.53
CA LYS A 12 -8.17 -23.75 3.50
C LYS A 12 -8.88 -24.13 2.20
N ALA A 13 -10.10 -24.71 2.26
CA ALA A 13 -10.71 -25.27 1.04
C ALA A 13 -11.27 -24.30 0.01
N GLY A 14 -10.84 -24.46 -1.24
CA GLY A 14 -11.14 -23.47 -2.29
C GLY A 14 -10.64 -22.05 -2.02
N ALA A 15 -9.57 -21.91 -1.24
CA ALA A 15 -9.30 -20.68 -0.41
C ALA A 15 -9.33 -19.31 -1.06
N LYS A 16 -8.75 -19.23 -2.28
CA LYS A 16 -8.31 -17.97 -2.99
C LYS A 16 -8.62 -18.07 -4.52
N SER A 17 -9.87 -18.21 -4.85
CA SER A 17 -10.33 -18.45 -6.20
C SER A 17 -9.85 -17.39 -7.20
N ARG A 18 -9.60 -16.12 -6.80
CA ARG A 18 -9.11 -15.19 -7.81
C ARG A 18 -7.64 -15.40 -8.19
N LEU A 19 -6.99 -16.40 -7.62
CA LEU A 19 -5.65 -16.79 -7.98
C LEU A 19 -5.60 -17.80 -9.10
N SER A 20 -6.73 -18.43 -9.36
CA SER A 20 -7.03 -19.23 -10.54
C SER A 20 -7.42 -18.31 -11.71
N PRO A 21 -6.79 -18.49 -12.87
CA PRO A 21 -5.96 -19.57 -13.27
C PRO A 21 -4.42 -19.38 -13.21
N VAL A 22 -3.83 -18.36 -12.64
CA VAL A 22 -2.40 -18.52 -12.40
C VAL A 22 -1.90 -19.56 -11.44
N LEU A 23 -2.71 -19.94 -10.47
CA LEU A 23 -2.47 -21.10 -9.63
C LEU A 23 -3.61 -22.15 -9.72
N SER A 24 -3.29 -23.40 -9.46
CA SER A 24 -4.29 -24.44 -9.29
C SER A 24 -5.05 -24.41 -7.98
N LEU A 25 -6.11 -25.18 -7.90
CA LEU A 25 -6.63 -25.59 -6.62
C LEU A 25 -5.52 -26.03 -5.73
N GLN A 26 -4.86 -27.10 -6.06
CA GLN A 26 -3.91 -27.58 -5.08
C GLN A 26 -2.94 -26.51 -4.68
N GLU A 27 -2.51 -25.66 -5.64
CA GLU A 27 -1.47 -24.63 -5.31
C GLU A 27 -2.03 -23.59 -4.34
N ARG A 28 -3.23 -23.09 -4.65
CA ARG A 28 -3.95 -22.19 -3.79
C ARG A 28 -3.99 -22.68 -2.37
N GLU A 29 -4.38 -23.93 -2.13
CA GLU A 29 -4.58 -24.39 -0.79
C GLU A 29 -3.23 -24.45 -0.11
N GLU A 30 -2.21 -24.93 -0.81
CA GLU A 30 -0.84 -24.94 -0.17
C GLU A 30 -0.29 -23.54 0.19
N PHE A 31 -0.38 -22.61 -0.75
CA PHE A 31 0.02 -21.24 -0.57
C PHE A 31 -0.63 -20.69 0.71
N VAL A 32 -1.95 -20.63 0.73
CA VAL A 32 -2.74 -20.15 1.86
C VAL A 32 -2.27 -20.72 3.23
N GLU A 33 -2.03 -22.00 3.28
CA GLU A 33 -1.51 -22.67 4.49
C GLU A 33 -0.16 -22.07 4.86
N LEU A 34 0.72 -21.91 3.87
CA LEU A 34 2.04 -21.22 4.19
C LEU A 34 1.82 -19.79 4.71
N MSE A 35 0.88 -19.06 4.12
CA MSE A 35 0.59 -17.68 4.58
C MSE A 35 0.05 -17.68 5.97
O MSE A 35 0.50 -16.88 6.77
CB MSE A 35 -0.32 -16.94 3.63
CG MSE A 35 0.42 -16.50 2.38
SE MSE A 35 -0.61 -15.24 1.35
CE MSE A 35 -2.18 -16.29 0.73
N LEU A 36 -0.86 -18.60 6.29
CA LEU A 36 -1.41 -18.72 7.67
C LEU A 36 -0.31 -18.83 8.71
N ASN A 37 0.58 -19.78 8.44
CA ASN A 37 1.67 -20.09 9.34
C ASN A 37 2.58 -18.93 9.63
N GLN A 38 2.85 -18.12 8.62
CA GLN A 38 3.65 -16.92 8.76
C GLN A 38 2.95 -15.83 9.62
N VAL A 39 1.64 -15.64 9.38
CA VAL A 39 0.81 -14.77 10.31
C VAL A 39 0.80 -15.21 11.76
N ILE A 40 0.59 -16.51 12.03
CA ILE A 40 0.65 -17.01 13.38
C ILE A 40 2.07 -16.81 13.95
N SER A 41 3.09 -17.08 13.16
CA SER A 41 4.44 -16.74 13.66
C SER A 41 4.64 -15.24 13.95
N SER A 42 4.04 -14.35 13.13
CA SER A 42 4.17 -12.93 13.54
C SER A 42 3.46 -12.55 14.82
N LEU A 43 2.30 -13.16 15.05
CA LEU A 43 1.55 -12.91 16.27
C LEU A 43 2.36 -13.41 17.48
N LYS A 44 3.00 -14.56 17.31
CA LYS A 44 3.71 -15.12 18.43
C LYS A 44 4.94 -14.23 18.63
N GLY A 45 5.58 -13.84 17.52
CA GLY A 45 6.76 -12.99 17.54
C GLY A 45 6.48 -11.70 18.24
N ALA A 46 5.22 -11.32 18.34
CA ALA A 46 4.85 -10.06 19.01
C ALA A 46 4.46 -10.31 20.45
N GLY A 47 4.62 -11.56 20.90
CA GLY A 47 4.40 -11.96 22.29
C GLY A 47 2.92 -12.12 22.63
N ILE A 48 2.07 -12.36 21.65
CA ILE A 48 0.73 -12.50 22.06
C ILE A 48 0.52 -13.94 22.45
N GLU A 49 -0.07 -14.06 23.65
CA GLU A 49 -0.09 -15.30 24.38
C GLU A 49 -0.95 -16.31 23.67
N GLN A 50 -2.21 -16.06 23.40
CA GLN A 50 -2.81 -17.01 22.44
C GLN A 50 -3.66 -16.48 21.26
N VAL A 51 -3.58 -17.30 20.24
CA VAL A 51 -4.04 -17.00 18.92
C VAL A 51 -5.10 -18.04 18.68
N ASP A 52 -6.27 -17.60 18.27
CA ASP A 52 -7.31 -18.50 17.81
C ASP A 52 -7.40 -18.50 16.26
N ILE A 53 -7.79 -19.61 15.67
CA ILE A 53 -7.97 -19.61 14.24
C ILE A 53 -9.41 -19.90 14.13
N LEU A 54 -10.21 -19.12 13.42
CA LEU A 54 -11.63 -19.41 13.37
C LEU A 54 -11.98 -19.89 11.96
N SER A 55 -12.32 -21.17 11.87
CA SER A 55 -12.40 -21.94 10.65
C SER A 55 -13.69 -22.78 10.68
N PRO A 56 -14.35 -22.97 9.52
CA PRO A 56 -15.63 -23.71 9.48
C PRO A 56 -15.49 -25.23 9.52
N SER A 57 -14.23 -25.68 9.35
CA SER A 57 -13.81 -27.08 9.47
C SER A 57 -12.38 -27.23 9.92
N VAL A 58 -12.08 -28.39 10.46
CA VAL A 58 -10.76 -28.86 10.78
C VAL A 58 -9.77 -29.02 9.63
N TYR A 59 -10.28 -29.07 8.44
CA TYR A 59 -9.52 -29.30 7.24
C TYR A 59 -8.31 -28.34 7.17
N GLY A 60 -7.12 -28.90 7.24
CA GLY A 60 -5.88 -28.12 7.08
C GLY A 60 -5.37 -27.71 8.44
N LEU A 61 -6.16 -28.05 9.46
CA LEU A 61 -5.86 -27.65 10.82
C LEU A 61 -5.77 -28.88 11.74
N GLU A 62 -5.79 -30.06 11.10
CA GLU A 62 -5.84 -31.38 11.81
C GLU A 62 -4.71 -31.50 12.83
N GLU A 63 -3.50 -31.10 12.43
CA GLU A 63 -2.32 -30.91 13.30
C GLU A 63 -2.12 -29.42 13.36
N MSE A 64 -2.03 -28.87 14.57
CA MSE A 64 -2.02 -27.41 14.71
C MSE A 64 -1.91 -27.13 16.16
O MSE A 64 -2.88 -27.29 16.90
CB MSE A 64 -3.28 -26.73 14.14
CG MSE A 64 -3.37 -25.19 14.48
SE MSE A 64 -1.95 -23.92 13.86
CE MSE A 64 -0.42 -24.97 13.17
N THR A 65 -0.74 -26.70 16.58
CA THR A 65 -0.47 -26.59 17.99
C THR A 65 -0.05 -25.19 18.30
N GLU A 66 0.30 -24.45 17.24
CA GLU A 66 0.70 -23.04 17.37
C GLU A 66 -0.45 -22.10 17.84
N ALA A 67 -1.67 -22.54 17.58
CA ALA A 67 -2.83 -21.70 17.80
C ALA A 67 -4.01 -22.62 18.12
N ARG A 68 -4.92 -22.15 18.95
CA ARG A 68 -6.13 -22.88 19.24
C ARG A 68 -7.15 -22.87 18.04
N VAL A 69 -7.69 -24.01 17.65
CA VAL A 69 -8.49 -24.05 16.49
C VAL A 69 -9.88 -23.94 17.03
N LEU A 70 -10.66 -23.02 16.50
CA LEU A 70 -12.00 -22.77 16.96
C LEU A 70 -12.88 -22.94 15.74
N LEU A 71 -13.90 -23.75 15.84
CA LEU A 71 -14.71 -24.06 14.69
C LEU A 71 -16.05 -23.40 14.73
N ASP A 72 -16.41 -22.80 13.62
CA ASP A 72 -17.65 -22.13 13.54
C ASP A 72 -18.02 -22.16 12.09
N GLU A 73 -19.02 -22.95 11.77
CA GLU A 73 -19.53 -23.01 10.41
C GLU A 73 -20.32 -21.77 9.94
N LYS A 74 -20.61 -20.78 10.77
CA LYS A 74 -21.38 -19.59 10.24
C LYS A 74 -20.53 -18.68 9.33
N ASP A 75 -21.20 -17.80 8.58
CA ASP A 75 -20.62 -16.76 7.67
C ASP A 75 -19.64 -15.93 8.48
N LEU A 76 -18.60 -15.40 7.83
CA LEU A 76 -17.49 -14.68 8.47
C LEU A 76 -17.90 -13.68 9.53
N ASN A 77 -18.80 -12.78 9.17
CA ASN A 77 -19.19 -11.75 10.07
C ASN A 77 -19.99 -12.31 11.21
N GLU A 78 -20.77 -13.33 10.97
CA GLU A 78 -21.51 -13.90 12.09
C GLU A 78 -20.59 -14.55 13.10
N ALA A 79 -19.71 -15.42 12.61
CA ALA A 79 -18.67 -16.01 13.44
C ALA A 79 -17.84 -14.98 14.18
N LEU A 80 -17.31 -13.97 13.47
CA LEU A 80 -16.48 -12.97 14.17
C LEU A 80 -17.25 -12.20 15.17
N ASN A 81 -18.51 -11.96 14.85
CA ASN A 81 -19.31 -11.11 15.74
C ASN A 81 -19.72 -11.88 17.04
N ARG A 82 -19.99 -13.20 16.91
CA ARG A 82 -20.06 -14.11 18.08
C ARG A 82 -18.77 -14.15 18.98
N TYR A 83 -17.59 -14.32 18.34
CA TYR A 83 -16.32 -14.26 19.03
C TYR A 83 -16.16 -12.90 19.76
N LEU A 84 -16.44 -11.81 19.08
CA LEU A 84 -16.39 -10.54 19.73
C LEU A 84 -17.29 -10.48 21.00
N LYS A 85 -18.55 -10.94 20.92
CA LYS A 85 -19.49 -10.98 22.07
C LYS A 85 -18.97 -11.74 23.32
N GLU A 86 -18.11 -12.74 23.10
CA GLU A 86 -17.70 -13.62 24.15
C GLU A 86 -16.36 -13.17 24.70
N ALA A 87 -15.66 -12.30 23.95
CA ALA A 87 -14.45 -11.64 24.51
C ALA A 87 -14.79 -10.46 25.45
N GLU A 88 -13.93 -10.29 26.44
CA GLU A 88 -14.10 -9.22 27.41
C GLU A 88 -12.96 -8.20 27.12
N GLU A 89 -11.79 -8.75 26.83
CA GLU A 89 -10.58 -7.98 26.67
C GLU A 89 -10.41 -7.47 25.17
N PRO A 90 -9.37 -6.68 24.88
CA PRO A 90 -9.11 -6.28 23.46
C PRO A 90 -8.94 -7.50 22.49
N VAL A 91 -9.47 -7.36 21.26
CA VAL A 91 -9.40 -8.39 20.17
C VAL A 91 -8.69 -7.78 18.95
N LEU A 92 -7.61 -8.41 18.49
CA LEU A 92 -6.98 -8.17 17.18
C LEU A 92 -7.53 -9.28 16.28
N ILE A 93 -8.27 -8.89 15.25
CA ILE A 93 -8.68 -9.71 14.15
C ILE A 93 -7.72 -9.51 12.98
N VAL A 94 -6.99 -10.58 12.61
CA VAL A 94 -6.02 -10.41 11.54
C VAL A 94 -6.29 -11.41 10.41
N MSE A 95 -6.33 -10.97 9.16
CA MSE A 95 -6.48 -11.89 8.04
C MSE A 95 -5.31 -12.81 7.88
O MSE A 95 -4.22 -12.43 8.17
CB MSE A 95 -6.69 -11.06 6.80
CG MSE A 95 -7.99 -10.12 7.01
SE MSE A 95 -9.34 -10.73 8.42
CE MSE A 95 -9.88 -11.36 6.95
N ALA A 96 -5.52 -13.97 7.24
CA ALA A 96 -4.47 -15.02 7.12
C ALA A 96 -3.58 -14.80 5.85
N ASP A 97 -3.83 -13.70 5.08
CA ASP A 97 -3.21 -13.48 3.82
C ASP A 97 -2.27 -12.28 3.77
N LEU A 98 -1.57 -12.07 4.90
CA LEU A 98 -0.75 -10.93 5.09
C LEU A 98 0.72 -11.41 5.32
N PRO A 99 1.40 -11.91 4.28
CA PRO A 99 2.74 -12.41 4.47
C PRO A 99 3.85 -11.33 4.68
N LEU A 100 3.50 -10.04 4.61
CA LEU A 100 4.46 -8.91 4.79
C LEU A 100 4.31 -8.30 6.19
N LEU A 101 3.41 -8.85 6.95
CA LEU A 101 3.10 -8.36 8.26
C LEU A 101 4.11 -8.94 9.21
N SER A 102 4.63 -8.05 10.05
CA SER A 102 5.87 -8.24 10.84
C SER A 102 5.40 -8.20 12.28
N PRO A 103 6.21 -8.76 13.20
CA PRO A 103 5.83 -8.55 14.58
C PRO A 103 5.82 -7.10 14.97
N GLU A 104 6.69 -6.27 14.38
CA GLU A 104 6.74 -4.85 14.67
C GLU A 104 5.44 -4.21 14.26
N HIS A 105 4.85 -4.63 13.11
CA HIS A 105 3.50 -4.04 12.73
C HIS A 105 2.54 -4.48 13.80
N ILE A 106 2.51 -5.76 14.18
CA ILE A 106 1.48 -6.15 15.17
C ILE A 106 1.66 -5.42 16.59
N LYS A 107 2.92 -5.27 17.01
CA LYS A 107 3.23 -4.49 18.26
C LYS A 107 2.63 -3.13 18.13
N GLU A 108 2.86 -2.42 17.01
CA GLU A 108 2.33 -1.04 16.86
C GLU A 108 0.83 -0.98 16.74
N ILE A 109 0.26 -1.90 15.98
CA ILE A 109 -1.22 -1.90 15.88
C ILE A 109 -1.91 -2.05 17.24
N SER A 110 -1.49 -3.02 18.01
CA SER A 110 -2.16 -3.27 19.27
C SER A 110 -1.74 -2.27 20.39
N SER A 111 -0.83 -1.32 20.11
CA SER A 111 -0.40 -0.26 21.06
C SER A 111 -1.08 1.04 20.72
N THR A 112 -2.10 0.98 19.87
CA THR A 112 -2.72 2.21 19.47
C THR A 112 -3.21 2.94 20.69
N GLU A 113 -3.32 4.26 20.56
CA GLU A 113 -3.74 5.03 21.68
C GLU A 113 -5.21 5.27 21.50
N LYS A 114 -5.74 4.95 20.30
CA LYS A 114 -7.22 5.05 20.04
C LYS A 114 -8.00 3.82 20.50
N ASP A 115 -9.32 3.93 20.47
CA ASP A 115 -10.23 2.85 20.75
C ASP A 115 -10.19 1.71 19.76
N VAL A 116 -10.04 2.03 18.47
CA VAL A 116 -9.83 0.99 17.43
C VAL A 116 -8.66 1.28 16.53
N CYS A 117 -7.91 0.25 16.14
CA CYS A 117 -6.93 0.53 15.08
C CYS A 117 -7.28 -0.28 13.89
N ILE A 118 -7.28 0.40 12.76
CA ILE A 118 -7.57 -0.25 11.53
C ILE A 118 -6.54 -0.09 10.40
N VAL A 119 -6.18 -1.25 9.86
CA VAL A 119 -5.32 -1.45 8.69
C VAL A 119 -6.10 -1.76 7.38
N PRO A 120 -6.01 -0.82 6.40
CA PRO A 120 -6.71 -0.99 5.14
C PRO A 120 -6.04 -2.07 4.36
N GLY A 121 -6.81 -2.79 3.54
CA GLY A 121 -6.19 -3.56 2.53
C GLY A 121 -6.56 -2.94 1.19
N LYS A 122 -6.16 -3.57 0.08
CA LYS A 122 -6.64 -2.89 -1.18
C LYS A 122 -8.16 -3.00 -1.47
N GLY A 123 -8.62 -2.16 -2.41
CA GLY A 123 -10.02 -1.91 -2.75
C GLY A 123 -10.91 -1.69 -1.56
N GLY A 124 -10.47 -0.92 -0.56
CA GLY A 124 -11.34 -0.69 0.67
C GLY A 124 -11.62 -1.88 1.61
N GLY A 125 -10.86 -2.99 1.53
CA GLY A 125 -10.97 -4.09 2.51
C GLY A 125 -10.35 -3.70 3.86
N THR A 126 -10.33 -4.64 4.83
CA THR A 126 -9.81 -4.40 6.21
C THR A 126 -8.91 -5.57 6.45
N ASN A 127 -7.64 -5.32 6.67
CA ASN A 127 -6.66 -6.39 6.80
C ASN A 127 -6.40 -6.78 8.25
N ALA A 128 -6.60 -5.84 9.19
CA ALA A 128 -6.35 -6.08 10.60
C ALA A 128 -7.23 -5.06 11.31
N LEU A 129 -7.80 -5.49 12.43
CA LEU A 129 -8.68 -4.66 13.21
C LEU A 129 -8.35 -4.94 14.69
N PHE A 130 -7.96 -3.90 15.42
CA PHE A 130 -7.75 -3.91 16.86
C PHE A 130 -8.86 -3.10 17.55
N ILE A 131 -9.67 -3.81 18.33
CA ILE A 131 -10.80 -3.29 19.00
C ILE A 131 -10.59 -3.41 20.53
N LYS A 132 -10.39 -2.30 21.24
CA LYS A 132 -10.19 -2.28 22.70
C LYS A 132 -11.49 -2.62 23.42
N ASN A 133 -12.63 -2.23 22.92
CA ASN A 133 -13.89 -2.51 23.61
C ASN A 133 -14.85 -3.34 22.84
N PRO A 134 -14.69 -4.64 22.82
CA PRO A 134 -15.48 -5.47 21.93
C PRO A 134 -16.98 -5.37 22.11
N SER A 135 -17.38 -4.87 23.26
CA SER A 135 -18.79 -4.90 23.70
C SER A 135 -19.51 -3.83 22.94
N LYS A 136 -18.73 -2.85 22.45
CA LYS A 136 -19.21 -1.63 21.76
C LYS A 136 -18.92 -1.63 20.24
N TYR A 137 -18.41 -2.73 19.70
CA TYR A 137 -18.01 -2.84 18.31
C TYR A 137 -18.67 -3.97 17.59
N ARG A 138 -19.01 -3.78 16.31
CA ARG A 138 -19.59 -4.82 15.46
C ARG A 138 -18.75 -4.86 14.13
N VAL A 139 -18.38 -6.00 13.59
CA VAL A 139 -17.63 -6.03 12.35
C VAL A 139 -18.54 -6.31 11.15
N LYS A 140 -18.08 -5.89 9.96
CA LYS A 140 -18.72 -6.15 8.70
C LYS A 140 -17.67 -6.16 7.61
N TYR A 141 -17.00 -7.32 7.46
CA TYR A 141 -15.99 -7.53 6.43
C TYR A 141 -16.76 -7.79 5.15
N TYR A 142 -16.05 -7.73 4.03
CA TYR A 142 -16.61 -7.76 2.62
C TYR A 142 -17.06 -6.39 2.19
N GLY A 143 -17.09 -6.19 0.86
CA GLY A 143 -17.53 -4.91 0.32
C GLY A 143 -16.61 -3.87 0.80
N SER A 144 -17.20 -2.73 1.05
CA SER A 144 -16.44 -1.63 1.45
C SER A 144 -16.14 -1.57 2.95
N SER A 145 -15.36 -2.53 3.48
CA SER A 145 -15.36 -2.77 4.93
C SER A 145 -14.51 -1.77 5.67
N PHE A 146 -13.48 -1.25 5.01
CA PHE A 146 -12.61 -0.27 5.67
C PHE A 146 -13.46 0.94 6.11
N LEU A 147 -14.14 1.60 5.15
CA LEU A 147 -15.02 2.77 5.43
C LEU A 147 -16.12 2.37 6.44
N THR A 148 -16.72 1.20 6.29
CA THR A 148 -17.72 0.74 7.23
C THR A 148 -17.27 0.62 8.69
N HIS A 149 -16.05 0.08 8.92
CA HIS A 149 -15.46 -0.04 10.26
C HIS A 149 -15.03 1.26 10.92
N CYS A 150 -14.61 2.21 10.09
CA CYS A 150 -14.35 3.52 10.66
C CYS A 150 -15.70 4.12 11.11
N SER A 151 -16.74 3.91 10.32
CA SER A 151 -18.01 4.59 10.63
C SER A 151 -18.84 3.82 11.69
N ILE A 152 -18.67 2.50 11.74
CA ILE A 152 -19.08 1.70 12.92
C ILE A 152 -18.38 2.26 14.17
N ALA A 153 -17.10 2.64 14.09
CA ALA A 153 -16.44 3.15 15.24
C ALA A 153 -17.00 4.51 15.66
N THR A 154 -17.36 5.36 14.70
CA THR A 154 -17.62 6.73 15.10
C THR A 154 -19.08 6.85 15.58
N ASP A 155 -20.03 6.30 14.81
CA ASP A 155 -21.41 6.01 15.24
C ASP A 155 -21.56 5.40 16.67
N SER A 156 -20.45 4.86 17.20
CA SER A 156 -20.39 4.23 18.50
C SER A 156 -19.52 5.01 19.53
N GLY A 157 -19.05 6.19 19.20
CA GLY A 157 -18.46 7.04 20.24
C GLY A 157 -16.96 6.91 20.29
N GLN A 158 -16.50 5.86 19.63
CA GLN A 158 -15.13 5.44 19.68
C GLN A 158 -14.24 6.05 18.59
N ASP A 159 -13.05 6.47 18.98
CA ASP A 159 -12.12 7.04 18.01
C ASP A 159 -11.25 5.90 17.36
N PHE A 160 -10.60 6.16 16.23
CA PHE A 160 -9.92 5.07 15.51
C PHE A 160 -8.65 5.69 14.99
N GLU A 161 -7.58 4.88 14.97
CA GLU A 161 -6.41 5.12 14.25
C GLU A 161 -6.42 4.31 12.95
N ILE A 162 -6.08 4.95 11.81
CA ILE A 162 -5.74 4.30 10.53
C ILE A 162 -4.26 3.99 10.58
N TYR A 163 -3.92 2.70 10.55
CA TYR A 163 -2.54 2.31 10.56
C TYR A 163 -2.03 2.33 9.14
N ASP A 164 -1.04 3.15 8.81
CA ASP A 164 -0.65 3.42 7.44
C ASP A 164 0.62 2.66 7.11
N SER A 165 0.49 1.45 6.61
CA SER A 165 1.61 0.60 6.36
C SER A 165 1.36 -0.06 5.00
N PHE A 166 2.33 0.02 4.10
CA PHE A 166 2.35 -0.66 2.82
C PHE A 166 2.40 -2.19 3.08
N MSE A 167 3.21 -2.65 4.02
CA MSE A 167 3.45 -4.08 4.16
C MSE A 167 2.21 -4.74 4.78
O MSE A 167 1.78 -5.78 4.32
CB MSE A 167 4.65 -4.37 5.03
CG MSE A 167 6.00 -3.82 4.49
SE MSE A 167 6.50 -4.42 2.73
CE MSE A 167 6.97 -2.62 1.92
N ALA A 168 1.62 -4.12 5.82
CA ALA A 168 0.47 -4.74 6.47
C ALA A 168 -0.80 -4.52 5.58
N GLY A 169 -0.71 -3.60 4.65
CA GLY A 169 -1.79 -3.42 3.72
C GLY A 169 -1.77 -4.19 2.42
N THR A 170 -0.73 -4.99 2.19
CA THR A 170 -0.62 -5.92 1.02
C THR A 170 -1.18 -7.27 1.41
N ASP A 171 -2.47 -7.45 1.11
CA ASP A 171 -3.10 -8.74 1.21
C ASP A 171 -2.91 -9.38 -0.17
N ILE A 172 -2.88 -10.70 -0.17
CA ILE A 172 -2.43 -11.37 -1.36
C ILE A 172 -3.66 -12.06 -1.82
N ASP A 173 -4.31 -11.51 -2.87
CA ASP A 173 -5.62 -12.04 -3.34
C ASP A 173 -5.73 -12.32 -4.84
N GLU A 174 -4.97 -11.56 -5.61
CA GLU A 174 -4.91 -11.82 -7.03
C GLU A 174 -3.47 -11.90 -7.56
N PRO A 175 -3.29 -12.35 -8.84
CA PRO A 175 -1.95 -12.53 -9.43
C PRO A 175 -1.02 -11.31 -9.23
N GLU A 176 -1.52 -10.12 -9.49
CA GLU A 176 -0.70 -8.92 -9.33
C GLU A 176 -0.15 -8.75 -7.92
N ASP A 177 -0.82 -9.29 -6.92
CA ASP A 177 -0.36 -9.25 -5.52
C ASP A 177 0.87 -10.14 -5.29
N LEU A 178 1.06 -11.14 -6.13
CA LEU A 178 2.22 -12.04 -6.02
C LEU A 178 3.54 -11.35 -6.45
N VAL A 179 3.39 -10.39 -7.38
CA VAL A 179 4.43 -9.42 -7.69
C VAL A 179 4.93 -8.75 -6.41
N GLU A 180 4.02 -8.27 -5.54
CA GLU A 180 4.44 -7.51 -4.37
C GLU A 180 5.14 -8.47 -3.43
N LEU A 181 4.61 -9.68 -3.31
CA LEU A 181 5.22 -10.69 -2.47
C LEU A 181 6.71 -11.03 -2.93
N LEU A 182 6.86 -11.25 -4.22
CA LEU A 182 8.19 -11.45 -4.78
C LEU A 182 9.12 -10.22 -4.53
N ILE A 183 8.62 -9.02 -4.78
CA ILE A 183 9.49 -7.87 -4.51
C ILE A 183 9.84 -7.68 -3.02
N HIS A 184 8.85 -7.75 -2.10
CA HIS A 184 9.02 -7.28 -0.74
C HIS A 184 9.09 -8.35 0.31
N GLY A 185 8.73 -9.58 -0.04
CA GLY A 185 8.63 -10.55 1.05
C GLY A 185 9.85 -11.47 1.28
N LYS A 186 9.75 -12.22 2.35
CA LYS A 186 10.77 -13.13 2.83
C LYS A 186 10.03 -14.35 3.26
N GLY A 187 10.61 -15.50 3.15
CA GLY A 187 9.98 -16.60 3.87
C GLY A 187 9.26 -17.53 2.94
N ALA A 188 8.54 -18.45 3.55
CA ALA A 188 8.17 -19.68 2.89
C ALA A 188 7.14 -19.37 1.78
N ALA A 189 6.23 -18.42 2.06
CA ALA A 189 5.13 -18.21 1.12
C ALA A 189 5.79 -17.65 -0.14
N LYS A 190 6.69 -16.68 0.07
CA LYS A 190 7.46 -16.08 -1.02
C LYS A 190 8.29 -17.15 -1.75
N ASP A 191 8.95 -18.02 -1.00
CA ASP A 191 9.81 -19.07 -1.71
C ASP A 191 8.96 -19.96 -2.53
N TYR A 192 7.73 -20.19 -2.08
CA TYR A 192 6.83 -21.09 -2.79
C TYR A 192 6.51 -20.53 -4.17
N ILE A 193 6.11 -19.26 -4.19
CA ILE A 193 5.85 -18.51 -5.42
C ILE A 193 7.13 -18.38 -6.22
N GLU A 194 8.23 -17.99 -5.57
CA GLU A 194 9.53 -17.82 -6.31
C GLU A 194 9.97 -19.09 -7.05
N SER A 195 9.54 -20.26 -6.54
CA SER A 195 9.80 -21.56 -7.13
C SER A 195 8.96 -21.83 -8.36
N LYS A 196 7.95 -21.00 -8.62
CA LYS A 196 7.08 -21.21 -9.72
C LYS A 196 7.09 -20.06 -10.68
N PHE A 197 7.46 -18.84 -10.26
CA PHE A 197 7.47 -17.67 -11.16
C PHE A 197 8.71 -16.81 -10.97
N ARG A 198 8.95 -15.94 -11.94
CA ARG A 198 9.91 -14.90 -11.90
C ARG A 198 9.24 -13.60 -12.24
N LEU A 199 9.87 -12.48 -11.89
CA LEU A 199 9.50 -11.15 -12.40
C LEU A 199 10.12 -10.82 -13.79
N GLU A 200 9.37 -10.23 -14.67
CA GLU A 200 9.94 -9.87 -15.95
C GLU A 200 9.53 -8.43 -16.29
N VAL A 201 10.43 -7.65 -16.86
CA VAL A 201 10.08 -6.29 -17.24
C VAL A 201 9.59 -6.17 -18.70
N LYS A 202 8.37 -5.74 -18.94
CA LYS A 202 8.01 -5.44 -20.32
C LYS A 202 7.51 -4.04 -20.71
N LYS A 203 6.58 -3.38 -20.06
CA LYS A 203 6.34 -2.08 -20.77
C LYS A 203 6.97 -1.00 -19.95
N GLY A 204 8.25 -1.22 -19.63
CA GLY A 204 8.81 -0.52 -18.51
C GLY A 204 8.00 -0.91 -17.27
N ARG A 205 7.33 -2.06 -17.31
CA ARG A 205 6.70 -2.55 -16.06
C ARG A 205 7.02 -4.01 -15.67
N VAL A 206 6.92 -4.33 -14.38
CA VAL A 206 7.16 -5.66 -13.80
C VAL A 206 5.93 -6.56 -13.96
N GLY A 207 6.14 -7.81 -14.38
CA GLY A 207 5.02 -8.75 -14.56
C GLY A 207 5.47 -10.07 -14.01
N LEU A 208 4.52 -10.89 -13.61
CA LEU A 208 4.75 -12.24 -13.16
C LEU A 208 4.69 -13.25 -14.31
N VAL A 209 5.71 -14.04 -14.47
CA VAL A 209 5.73 -14.98 -15.58
C VAL A 209 6.19 -16.26 -14.99
N PRO A 210 5.66 -17.40 -15.47
CA PRO A 210 6.02 -18.75 -14.91
C PRO A 210 7.43 -19.12 -15.34
N LEU A 211 8.09 -19.99 -14.59
CA LEU A 211 9.41 -20.52 -14.94
C LEU A 211 9.17 -21.73 -15.83
N ASN B 2 16.33 24.29 6.48
CA ASN B 2 16.23 23.27 5.38
C ASN B 2 16.88 23.69 4.05
N ALA B 3 18.10 23.18 3.84
CA ALA B 3 18.79 23.24 2.55
C ALA B 3 18.57 21.85 1.94
N MSE B 4 17.54 21.76 1.10
CA MSE B 4 17.03 20.50 0.55
C MSE B 4 16.08 20.97 -0.51
O MSE B 4 15.33 21.96 -0.30
CB MSE B 4 16.31 19.72 1.64
CG MSE B 4 15.60 18.45 1.28
SE MSE B 4 13.91 18.33 2.30
CE MSE B 4 13.44 20.20 2.15
N ARG B 5 16.16 20.35 -1.68
CA ARG B 5 15.23 20.68 -2.76
C ARG B 5 14.37 19.45 -3.10
N ALA B 6 13.17 19.70 -3.63
CA ALA B 6 12.34 18.65 -4.19
C ALA B 6 12.24 18.90 -5.69
N VAL B 7 12.28 17.83 -6.46
CA VAL B 7 12.06 17.90 -7.88
C VAL B 7 10.97 16.89 -8.25
N ILE B 8 10.04 17.32 -9.08
CA ILE B 8 8.94 16.50 -9.53
C ILE B 8 8.98 16.24 -11.06
N PRO B 9 9.32 15.01 -11.47
CA PRO B 9 9.17 14.68 -12.88
C PRO B 9 7.67 14.84 -13.37
N TYR B 10 7.44 15.52 -14.49
CA TYR B 10 6.04 15.70 -14.92
C TYR B 10 5.85 15.93 -16.39
N LYS B 11 4.87 15.26 -17.04
CA LYS B 11 4.59 15.63 -18.42
C LYS B 11 3.09 15.65 -18.50
N LYS B 12 2.46 16.75 -18.87
CA LYS B 12 1.00 16.79 -18.88
C LYS B 12 0.41 16.16 -20.16
N ALA B 13 1.12 16.33 -21.30
CA ALA B 13 0.56 15.87 -22.60
C ALA B 13 0.44 14.35 -22.71
N GLY B 14 -0.74 13.85 -23.05
CA GLY B 14 -0.82 12.45 -23.20
C GLY B 14 -0.73 11.59 -21.90
N ALA B 15 -0.67 12.23 -20.72
CA ALA B 15 -0.62 11.59 -19.37
C ALA B 15 -1.59 10.49 -19.13
N LYS B 16 -1.11 9.49 -18.39
CA LYS B 16 -1.94 8.42 -17.88
C LYS B 16 -2.80 7.71 -18.92
N SER B 17 -2.14 7.10 -19.91
CA SER B 17 -2.85 6.45 -21.00
C SER B 17 -3.52 5.18 -20.45
N ARG B 18 -2.99 4.59 -19.34
CA ARG B 18 -3.64 3.40 -18.75
C ARG B 18 -4.96 3.78 -18.10
N LEU B 19 -5.27 5.06 -17.94
CA LEU B 19 -6.62 5.48 -17.57
C LEU B 19 -7.62 5.72 -18.68
N SER B 20 -7.21 5.49 -19.91
CA SER B 20 -8.01 5.80 -21.08
C SER B 20 -9.27 4.94 -21.19
N PRO B 21 -9.35 3.69 -20.59
CA PRO B 21 -10.71 3.05 -20.55
C PRO B 21 -11.85 3.87 -19.84
N VAL B 22 -11.47 4.72 -18.90
CA VAL B 22 -12.45 5.47 -18.07
C VAL B 22 -12.41 6.97 -18.19
N LEU B 23 -11.31 7.51 -18.70
CA LEU B 23 -11.15 8.97 -18.71
C LEU B 23 -10.76 9.38 -20.08
N SER B 24 -11.34 10.48 -20.57
CA SER B 24 -10.86 11.11 -21.83
C SER B 24 -9.50 11.70 -21.69
N LEU B 25 -8.92 11.99 -22.84
CA LEU B 25 -7.68 12.64 -22.91
C LEU B 25 -7.77 13.89 -22.14
N GLN B 26 -8.80 14.70 -22.42
CA GLN B 26 -8.90 16.00 -21.70
C GLN B 26 -9.06 15.76 -20.19
N GLU B 27 -9.89 14.79 -19.83
CA GLU B 27 -10.06 14.40 -18.43
C GLU B 27 -8.75 13.99 -17.76
N ARG B 28 -7.88 13.30 -18.49
CA ARG B 28 -6.66 12.70 -17.94
C ARG B 28 -5.63 13.77 -17.68
N GLU B 29 -5.54 14.73 -18.59
CA GLU B 29 -4.60 15.83 -18.42
C GLU B 29 -5.09 16.79 -17.38
N GLU B 30 -6.39 17.02 -17.25
CA GLU B 30 -6.80 17.83 -16.10
C GLU B 30 -6.52 17.14 -14.76
N PHE B 31 -6.85 15.84 -14.72
CA PHE B 31 -6.67 15.06 -13.52
C PHE B 31 -5.20 15.14 -13.07
N VAL B 32 -4.26 14.92 -13.98
CA VAL B 32 -2.83 14.93 -13.68
C VAL B 32 -2.41 16.34 -13.25
N GLU B 33 -3.09 17.38 -13.75
CA GLU B 33 -2.76 18.76 -13.34
C GLU B 33 -3.16 18.99 -11.87
N LEU B 34 -4.36 18.51 -11.55
CA LEU B 34 -4.86 18.51 -10.19
C LEU B 34 -3.92 17.80 -9.24
N MSE B 35 -3.51 16.60 -9.59
CA MSE B 35 -2.52 15.92 -8.73
C MSE B 35 -1.21 16.68 -8.56
O MSE B 35 -0.63 16.75 -7.43
CB MSE B 35 -2.29 14.47 -9.18
CG MSE B 35 -3.49 13.59 -8.88
SE MSE B 35 -3.14 11.72 -9.23
CE MSE B 35 -2.91 11.57 -11.24
N LEU B 36 -0.73 17.28 -9.66
CA LEU B 36 0.56 18.00 -9.54
C LEU B 36 0.38 19.08 -8.52
N ASN B 37 -0.62 19.93 -8.71
CA ASN B 37 -0.92 21.05 -7.80
C ASN B 37 -1.07 20.57 -6.38
N GLN B 38 -1.55 19.34 -6.20
CA GLN B 38 -1.60 18.81 -4.84
C GLN B 38 -0.26 18.43 -4.24
N VAL B 39 0.52 17.65 -4.96
CA VAL B 39 1.86 17.30 -4.46
C VAL B 39 2.70 18.57 -4.18
N ILE B 40 2.70 19.55 -5.09
CA ILE B 40 3.37 20.83 -4.84
C ILE B 40 2.86 21.49 -3.54
N SER B 41 1.52 21.58 -3.42
CA SER B 41 0.95 22.17 -2.18
C SER B 41 1.29 21.40 -0.88
N SER B 42 1.42 20.07 -0.94
CA SER B 42 1.92 19.27 0.18
C SER B 42 3.38 19.48 0.46
N LEU B 43 4.17 19.73 -0.59
CA LEU B 43 5.60 19.90 -0.38
C LEU B 43 5.82 21.21 0.36
N LYS B 44 5.13 22.28 -0.06
CA LYS B 44 5.17 23.56 0.67
C LYS B 44 4.71 23.35 2.10
N GLY B 45 3.63 22.63 2.31
CA GLY B 45 3.08 22.50 3.63
C GLY B 45 3.96 21.78 4.65
N ALA B 46 4.92 21.03 4.16
CA ALA B 46 5.91 20.36 4.97
C ALA B 46 7.16 21.28 5.10
N GLY B 47 7.01 22.53 4.64
CA GLY B 47 8.03 23.58 4.74
C GLY B 47 9.16 23.45 3.73
N ILE B 48 8.90 22.76 2.63
CA ILE B 48 9.91 22.76 1.59
C ILE B 48 9.57 23.83 0.51
N GLU B 49 10.42 24.82 0.46
CA GLU B 49 10.06 25.95 -0.37
C GLU B 49 10.74 25.91 -1.72
N GLN B 50 11.95 25.33 -1.80
CA GLN B 50 12.56 25.08 -3.15
C GLN B 50 12.00 23.84 -3.92
N VAL B 51 10.95 24.06 -4.71
CA VAL B 51 10.28 23.00 -5.46
C VAL B 51 10.49 23.22 -6.96
N ASP B 52 11.06 22.19 -7.63
CA ASP B 52 11.30 22.17 -9.06
C ASP B 52 10.38 21.22 -9.78
N ILE B 53 9.93 21.61 -10.94
CA ILE B 53 9.26 20.65 -11.81
C ILE B 53 10.12 20.31 -12.98
N LEU B 54 10.29 19.01 -13.21
CA LEU B 54 11.16 18.69 -14.32
C LEU B 54 10.33 18.09 -15.40
N SER B 55 10.14 18.82 -16.51
CA SER B 55 9.18 18.53 -17.65
C SER B 55 9.87 18.58 -19.03
N PRO B 56 9.40 17.80 -20.03
CA PRO B 56 10.10 17.91 -21.32
C PRO B 56 9.45 19.03 -22.19
N SER B 57 8.42 19.72 -21.67
CA SER B 57 7.82 20.91 -22.34
C SER B 57 7.09 21.81 -21.41
N VAL B 58 6.97 23.07 -21.74
CA VAL B 58 6.20 23.96 -20.93
C VAL B 58 4.70 23.80 -20.96
N TYR B 59 4.20 22.79 -21.65
CA TYR B 59 2.78 22.57 -21.77
C TYR B 59 2.12 22.26 -20.40
N GLY B 60 0.99 22.95 -20.15
CA GLY B 60 0.29 23.02 -18.85
C GLY B 60 1.16 23.62 -17.73
N LEU B 61 2.35 24.10 -18.07
CA LEU B 61 3.21 24.81 -17.13
C LEU B 61 3.46 26.32 -17.40
N GLU B 62 2.88 26.88 -18.43
CA GLU B 62 3.05 28.31 -18.77
C GLU B 62 2.77 29.34 -17.65
N GLU B 63 1.86 29.04 -16.73
CA GLU B 63 1.40 30.02 -15.74
C GLU B 63 1.82 29.63 -14.35
N MSE B 64 2.58 28.52 -14.27
CA MSE B 64 3.10 27.99 -13.01
C MSE B 64 4.09 28.90 -12.32
O MSE B 64 5.14 29.30 -12.90
CB MSE B 64 3.79 26.64 -13.26
CG MSE B 64 4.57 26.12 -12.07
SE MSE B 64 3.22 25.56 -10.64
CE MSE B 64 4.61 24.71 -9.56
N THR B 65 3.81 29.12 -11.05
CA THR B 65 4.51 30.05 -10.18
C THR B 65 4.81 29.40 -8.84
N GLU B 66 4.01 28.40 -8.49
CA GLU B 66 4.25 27.66 -7.26
C GLU B 66 5.60 26.89 -7.16
N ALA B 67 6.28 26.70 -8.29
CA ALA B 67 7.51 25.88 -8.37
C ALA B 67 8.21 26.28 -9.65
N ARG B 68 9.53 26.13 -9.66
CA ARG B 68 10.30 26.46 -10.81
C ARG B 68 10.11 25.38 -11.81
N VAL B 69 9.70 25.76 -13.01
CA VAL B 69 9.60 24.86 -14.16
C VAL B 69 11.00 24.70 -14.76
N LEU B 70 11.37 23.46 -15.01
CA LEU B 70 12.66 23.10 -15.57
C LEU B 70 12.40 22.23 -16.81
N LEU B 71 13.03 22.61 -17.91
CA LEU B 71 12.78 22.02 -19.20
C LEU B 71 13.91 21.07 -19.54
N ASP B 72 13.56 19.91 -20.05
CA ASP B 72 14.59 18.91 -20.32
C ASP B 72 13.94 17.83 -21.10
N GLU B 73 14.37 17.72 -22.34
CA GLU B 73 13.65 16.90 -23.26
C GLU B 73 14.13 15.42 -23.25
N LYS B 74 15.28 15.18 -22.62
CA LYS B 74 15.84 13.83 -22.50
C LYS B 74 14.87 12.96 -21.74
N ASP B 75 15.11 11.65 -21.77
CA ASP B 75 14.31 10.74 -20.99
C ASP B 75 14.57 10.90 -19.46
N LEU B 76 13.61 10.36 -18.72
CA LEU B 76 13.53 10.54 -17.31
C LEU B 76 14.87 10.40 -16.58
N ASN B 77 15.47 9.22 -16.71
CA ASN B 77 16.72 8.89 -16.01
C ASN B 77 17.87 9.81 -16.35
N GLU B 78 18.02 10.08 -17.65
CA GLU B 78 18.93 11.13 -18.12
C GLU B 78 18.70 12.49 -17.43
N ALA B 79 17.50 13.05 -17.65
CA ALA B 79 17.14 14.28 -16.95
C ALA B 79 17.38 14.30 -15.39
N LEU B 80 17.08 13.19 -14.71
CA LEU B 80 17.16 13.21 -13.21
C LEU B 80 18.60 13.08 -12.76
N ASN B 81 19.38 12.34 -13.55
CA ASN B 81 20.83 12.18 -13.25
C ASN B 81 21.62 13.46 -13.53
N ARG B 82 21.32 14.12 -14.64
CA ARG B 82 21.80 15.52 -14.80
C ARG B 82 21.45 16.43 -13.59
N TYR B 83 20.18 16.45 -13.20
CA TYR B 83 19.75 17.21 -12.05
C TYR B 83 20.50 16.82 -10.79
N LEU B 84 20.65 15.54 -10.54
CA LEU B 84 21.34 15.06 -9.32
C LEU B 84 22.83 15.52 -9.30
N LYS B 85 23.54 15.28 -10.41
CA LYS B 85 24.81 15.95 -10.72
C LYS B 85 24.86 17.38 -10.19
N GLU B 86 24.07 18.28 -10.77
CA GLU B 86 24.16 19.71 -10.40
C GLU B 86 23.67 20.06 -9.00
N ALA B 87 22.89 19.18 -8.36
CA ALA B 87 22.40 19.37 -6.98
C ALA B 87 23.53 19.53 -5.98
N GLU B 88 23.35 20.48 -5.06
CA GLU B 88 24.33 20.71 -4.00
C GLU B 88 23.74 20.87 -2.62
N GLU B 89 22.74 20.04 -2.32
CA GLU B 89 21.98 20.02 -1.05
C GLU B 89 20.95 18.92 -1.31
N PRO B 90 20.60 18.16 -0.26
CA PRO B 90 19.81 16.94 -0.48
C PRO B 90 18.54 17.14 -1.33
N VAL B 91 18.19 16.08 -2.03
CA VAL B 91 17.16 16.08 -3.08
C VAL B 91 16.04 15.06 -2.73
N LEU B 92 14.78 15.51 -2.74
CA LEU B 92 13.67 14.61 -2.74
C LEU B 92 13.03 14.55 -4.14
N ILE B 93 13.24 13.49 -4.87
CA ILE B 93 12.56 13.16 -6.09
C ILE B 93 11.16 12.59 -5.80
N VAL B 94 10.11 13.33 -6.16
CA VAL B 94 8.75 12.91 -5.82
C VAL B 94 7.87 12.87 -7.02
N MSE B 95 7.14 11.76 -7.21
CA MSE B 95 6.25 11.62 -8.39
C MSE B 95 4.97 12.48 -8.19
O MSE B 95 4.64 12.86 -7.09
CB MSE B 95 5.90 10.16 -8.63
CG MSE B 95 7.13 9.22 -8.66
SE MSE B 95 8.76 9.98 -9.56
CE MSE B 95 8.27 9.01 -11.04
N ALA B 96 4.35 12.88 -9.28
CA ALA B 96 3.31 13.84 -9.32
C ALA B 96 1.95 13.23 -9.10
N ASP B 97 1.95 11.89 -8.97
CA ASP B 97 0.76 11.05 -9.02
C ASP B 97 0.46 10.37 -7.74
N LEU B 98 0.74 11.06 -6.64
CA LEU B 98 0.60 10.48 -5.29
C LEU B 98 -0.38 11.33 -4.46
N PRO B 99 -1.70 11.24 -4.74
CA PRO B 99 -2.61 12.22 -4.14
C PRO B 99 -2.95 11.91 -2.70
N LEU B 100 -2.45 10.76 -2.17
CA LEU B 100 -2.62 10.39 -0.77
C LEU B 100 -1.41 10.74 0.12
N LEU B 101 -0.35 11.23 -0.50
CA LEU B 101 0.85 11.69 0.16
C LEU B 101 0.54 12.96 0.99
N SER B 102 0.92 13.00 2.30
CA SER B 102 0.65 14.17 3.16
C SER B 102 1.92 14.96 3.51
N PRO B 103 1.78 16.22 4.00
CA PRO B 103 2.92 16.93 4.57
C PRO B 103 3.69 16.05 5.54
N GLU B 104 2.95 15.29 6.39
CA GLU B 104 3.58 14.44 7.43
C GLU B 104 4.41 13.39 6.81
N HIS B 105 3.87 12.74 5.77
CA HIS B 105 4.71 11.73 5.10
C HIS B 105 5.98 12.42 4.64
N ILE B 106 5.84 13.60 4.03
CA ILE B 106 7.03 14.18 3.34
C ILE B 106 8.09 14.55 4.41
N LYS B 107 7.64 15.13 5.52
CA LYS B 107 8.55 15.32 6.71
C LYS B 107 9.34 14.06 7.17
N GLU B 108 8.66 12.93 7.28
CA GLU B 108 9.32 11.78 7.87
C GLU B 108 10.29 11.21 6.86
N ILE B 109 9.87 11.16 5.60
CA ILE B 109 10.78 10.75 4.51
C ILE B 109 12.13 11.53 4.52
N SER B 110 12.01 12.86 4.48
CA SER B 110 13.16 13.78 4.37
C SER B 110 13.90 14.07 5.72
N SER B 111 13.43 13.41 6.81
CA SER B 111 14.06 13.37 8.16
C SER B 111 14.77 12.06 8.45
N THR B 112 14.95 11.28 7.41
CA THR B 112 15.69 10.05 7.55
C THR B 112 17.07 10.35 8.09
N GLU B 113 17.60 9.34 8.77
CA GLU B 113 18.91 9.37 9.31
C GLU B 113 19.84 8.56 8.44
N LYS B 114 19.31 7.91 7.40
CA LYS B 114 20.15 7.24 6.45
C LYS B 114 20.45 8.20 5.32
N ASP B 115 21.24 7.74 4.34
CA ASP B 115 21.64 8.53 3.18
C ASP B 115 20.51 8.59 2.18
N VAL B 116 19.72 7.50 2.18
CA VAL B 116 18.59 7.37 1.27
C VAL B 116 17.35 6.85 1.98
N CYS B 117 16.24 7.52 1.70
CA CYS B 117 14.94 7.00 2.09
C CYS B 117 14.17 6.71 0.78
N ILE B 118 13.70 5.49 0.70
CA ILE B 118 12.96 5.00 -0.43
C ILE B 118 11.50 4.56 -0.11
N VAL B 119 10.58 5.19 -0.84
CA VAL B 119 9.14 4.82 -0.74
C VAL B 119 8.80 3.97 -1.98
N PRO B 120 8.38 2.70 -1.78
CA PRO B 120 7.95 1.95 -2.92
C PRO B 120 6.56 2.31 -3.49
N GLY B 121 6.38 2.09 -4.78
CA GLY B 121 5.08 2.11 -5.36
C GLY B 121 4.57 0.73 -5.69
N LYS B 122 3.36 0.73 -6.29
CA LYS B 122 2.78 -0.51 -6.77
C LYS B 122 3.69 -1.17 -7.81
N GLY B 123 3.72 -2.51 -7.88
CA GLY B 123 4.41 -3.15 -9.03
C GLY B 123 5.94 -2.99 -9.01
N GLY B 124 6.54 -2.66 -7.85
CA GLY B 124 8.01 -2.51 -7.87
C GLY B 124 8.52 -1.19 -8.32
N GLY B 125 7.61 -0.17 -8.44
CA GLY B 125 8.14 1.20 -8.70
C GLY B 125 8.67 1.95 -7.48
N THR B 126 9.08 3.21 -7.71
CA THR B 126 9.60 4.08 -6.64
C THR B 126 8.79 5.33 -6.71
N ASN B 127 8.07 5.65 -5.65
CA ASN B 127 7.19 6.80 -5.62
C ASN B 127 7.88 8.07 -5.14
N ALA B 128 8.78 7.86 -4.21
CA ALA B 128 9.53 8.94 -3.56
C ALA B 128 10.96 8.45 -3.24
N LEU B 129 11.95 9.33 -3.48
CA LEU B 129 13.39 9.10 -3.24
C LEU B 129 14.01 10.33 -2.50
N PHE B 130 14.32 10.16 -1.22
CA PHE B 130 15.15 11.15 -0.49
C PHE B 130 16.63 10.76 -0.55
N ILE B 131 17.43 11.66 -1.17
CA ILE B 131 18.85 11.43 -1.44
C ILE B 131 19.62 12.58 -0.76
N LYS B 132 20.39 12.21 0.25
CA LYS B 132 21.29 13.18 0.95
C LYS B 132 22.55 13.58 0.17
N ASN B 133 23.10 12.64 -0.61
CA ASN B 133 24.27 12.83 -1.43
C ASN B 133 24.06 12.73 -2.95
N PRO B 134 23.41 13.72 -3.53
CA PRO B 134 23.09 13.68 -4.96
C PRO B 134 24.33 13.43 -5.90
N SER B 135 25.51 13.86 -5.43
CA SER B 135 26.78 13.58 -6.17
C SER B 135 27.19 12.10 -6.12
N LYS B 136 26.65 11.39 -5.15
CA LYS B 136 27.03 9.99 -4.93
C LYS B 136 26.02 8.93 -5.53
N TYR B 137 24.91 9.45 -6.02
CA TYR B 137 23.77 8.61 -6.35
C TYR B 137 23.32 8.71 -7.81
N ARG B 138 22.86 7.59 -8.27
CA ARG B 138 22.29 7.56 -9.57
C ARG B 138 20.94 6.81 -9.43
N VAL B 139 20.01 7.13 -10.31
CA VAL B 139 18.65 6.61 -10.27
C VAL B 139 18.35 5.95 -11.62
N LYS B 140 17.31 5.13 -11.64
CA LYS B 140 16.98 4.33 -12.78
C LYS B 140 15.55 3.92 -12.60
N TYR B 141 14.70 4.86 -12.98
CA TYR B 141 13.28 4.66 -12.94
C TYR B 141 12.87 3.75 -14.11
N TYR B 142 11.66 3.27 -13.99
CA TYR B 142 11.06 2.30 -14.86
C TYR B 142 11.41 0.89 -14.40
N GLY B 143 10.64 -0.07 -14.86
CA GLY B 143 10.89 -1.45 -14.51
C GLY B 143 10.94 -1.62 -13.01
N SER B 144 11.86 -2.49 -12.62
CA SER B 144 12.03 -2.84 -11.24
C SER B 144 12.90 -1.90 -10.41
N SER B 145 12.43 -0.64 -10.30
CA SER B 145 13.20 0.43 -9.76
C SER B 145 13.35 0.47 -8.31
N PHE B 146 12.37 0.02 -7.55
CA PHE B 146 12.48 0.03 -6.10
C PHE B 146 13.70 -0.80 -5.73
N LEU B 147 13.74 -2.05 -6.14
CA LEU B 147 14.89 -2.90 -5.79
C LEU B 147 16.17 -2.36 -6.46
N THR B 148 16.14 -1.98 -7.73
CA THR B 148 17.37 -1.36 -8.30
C THR B 148 17.89 -0.09 -7.58
N HIS B 149 16.99 0.74 -7.02
CA HIS B 149 17.45 1.84 -6.17
C HIS B 149 18.08 1.42 -4.87
N CYS B 150 17.57 0.33 -4.31
CA CYS B 150 18.08 -0.23 -3.06
C CYS B 150 19.49 -0.84 -3.29
N SER B 151 19.69 -1.54 -4.40
CA SER B 151 21.05 -1.93 -4.69
C SER B 151 21.99 -0.89 -5.28
N ILE B 152 21.50 0.09 -6.04
CA ILE B 152 22.31 1.32 -6.24
C ILE B 152 22.71 2.02 -4.90
N ALA B 153 21.83 2.11 -3.95
CA ALA B 153 22.20 2.73 -2.68
C ALA B 153 23.43 2.02 -2.16
N THR B 154 23.34 0.71 -1.96
CA THR B 154 24.44 -0.06 -1.40
C THR B 154 25.73 -0.14 -2.28
N ASP B 155 25.67 -0.79 -3.44
CA ASP B 155 26.73 -0.71 -4.49
C ASP B 155 27.54 0.60 -4.49
N SER B 156 26.94 1.68 -3.97
CA SER B 156 27.56 3.00 -3.83
C SER B 156 27.82 3.44 -2.36
N GLY B 157 27.98 2.46 -1.46
CA GLY B 157 28.34 2.79 -0.06
C GLY B 157 27.42 3.80 0.64
N GLN B 158 26.13 3.74 0.32
CA GLN B 158 25.11 4.48 1.06
C GLN B 158 24.21 3.50 1.82
N ASP B 159 23.74 3.85 3.00
CA ASP B 159 22.72 3.01 3.63
C ASP B 159 21.36 3.62 3.35
N PHE B 160 20.29 2.82 3.50
CA PHE B 160 18.97 3.26 3.09
C PHE B 160 17.88 2.78 4.03
N GLU B 161 16.84 3.61 4.17
CA GLU B 161 15.57 3.28 4.85
C GLU B 161 14.42 2.93 3.84
N ILE B 162 13.64 1.87 4.03
CA ILE B 162 12.27 1.74 3.36
C ILE B 162 11.17 2.44 4.16
N TYR B 163 10.61 3.52 3.60
CA TYR B 163 9.50 4.15 4.30
C TYR B 163 8.22 3.33 4.04
N ASP B 164 7.58 2.85 5.08
CA ASP B 164 6.54 1.82 4.90
C ASP B 164 5.22 2.56 4.98
N SER B 165 4.69 3.00 3.85
CA SER B 165 3.47 3.78 3.87
C SER B 165 2.45 3.34 2.76
N PHE B 166 1.22 3.08 3.16
CA PHE B 166 0.18 2.64 2.24
C PHE B 166 -0.20 3.79 1.37
N MSE B 167 -0.40 4.95 2.00
CA MSE B 167 -0.89 6.17 1.34
C MSE B 167 0.14 6.74 0.35
O MSE B 167 -0.21 7.05 -0.78
CB MSE B 167 -1.15 7.20 2.40
CG MSE B 167 -2.21 6.81 3.32
SE MSE B 167 -3.95 6.27 2.64
CE MSE B 167 -4.31 4.85 4.03
N ALA B 168 1.40 6.77 0.77
CA ALA B 168 2.55 7.18 -0.04
C ALA B 168 2.86 6.18 -1.14
N GLY B 169 2.47 4.93 -0.86
CA GLY B 169 2.66 3.89 -1.75
C GLY B 169 1.60 3.80 -2.84
N THR B 170 0.59 4.72 -2.80
CA THR B 170 -0.56 4.63 -3.69
C THR B 170 -0.36 5.62 -4.84
N ASP B 171 0.32 5.14 -5.89
CA ASP B 171 0.47 5.94 -7.07
C ASP B 171 -0.76 5.68 -7.92
N ILE B 172 -1.24 6.71 -8.62
CA ILE B 172 -2.42 6.53 -9.46
C ILE B 172 -2.00 6.27 -10.88
N ASP B 173 -2.27 5.06 -11.35
CA ASP B 173 -1.86 4.75 -12.69
C ASP B 173 -2.93 4.03 -13.57
N GLU B 174 -3.73 3.15 -12.95
CA GLU B 174 -4.79 2.51 -13.67
C GLU B 174 -6.18 2.65 -13.05
N PRO B 175 -7.25 2.25 -13.78
CA PRO B 175 -8.60 2.64 -13.26
C PRO B 175 -8.80 2.17 -11.77
N GLU B 176 -8.30 0.97 -11.44
CA GLU B 176 -8.49 0.39 -10.12
C GLU B 176 -7.90 1.27 -8.99
N ASP B 177 -6.81 1.99 -9.31
CA ASP B 177 -6.17 2.90 -8.34
C ASP B 177 -7.12 4.06 -8.04
N LEU B 178 -8.12 4.32 -8.89
CA LEU B 178 -9.05 5.44 -8.61
C LEU B 178 -10.05 4.99 -7.53
N VAL B 179 -10.27 3.68 -7.32
CA VAL B 179 -11.00 3.22 -6.14
C VAL B 179 -10.21 3.64 -4.90
N GLU B 180 -8.86 3.53 -4.88
CA GLU B 180 -8.13 3.80 -3.65
C GLU B 180 -8.31 5.26 -3.35
N LEU B 181 -8.31 6.04 -4.44
CA LEU B 181 -8.28 7.49 -4.25
C LEU B 181 -9.62 7.87 -3.63
N LEU B 182 -10.70 7.27 -4.19
CA LEU B 182 -12.07 7.59 -3.74
C LEU B 182 -12.27 7.19 -2.25
N ILE B 183 -11.73 6.04 -1.90
CA ILE B 183 -11.85 5.58 -0.50
C ILE B 183 -11.05 6.45 0.45
N HIS B 184 -9.81 6.78 0.10
CA HIS B 184 -8.85 7.36 1.05
C HIS B 184 -8.52 8.84 0.85
N GLY B 185 -8.84 9.49 -0.31
CA GLY B 185 -8.34 10.83 -0.52
C GLY B 185 -9.22 12.01 -0.13
N LYS B 186 -8.64 13.21 -0.15
CA LYS B 186 -9.35 14.48 0.07
C LYS B 186 -8.68 15.37 -0.94
N GLY B 187 -9.36 16.41 -1.38
CA GLY B 187 -8.70 17.38 -2.22
C GLY B 187 -9.37 17.40 -3.57
N ALA B 188 -8.90 18.32 -4.41
CA ALA B 188 -9.52 18.58 -5.69
C ALA B 188 -9.37 17.39 -6.65
N ALA B 189 -8.29 16.63 -6.48
CA ALA B 189 -8.04 15.41 -7.31
C ALA B 189 -9.07 14.38 -7.01
N LYS B 190 -9.27 14.07 -5.72
CA LYS B 190 -10.38 13.23 -5.27
C LYS B 190 -11.79 13.72 -5.73
N ASP B 191 -12.05 15.02 -5.55
CA ASP B 191 -13.37 15.63 -5.86
C ASP B 191 -13.63 15.51 -7.35
N TYR B 192 -12.66 15.93 -8.16
CA TYR B 192 -12.69 15.61 -9.59
C TYR B 192 -13.14 14.21 -10.04
N ILE B 193 -12.45 13.19 -9.48
CA ILE B 193 -12.83 11.78 -9.70
C ILE B 193 -14.23 11.46 -9.17
N GLU B 194 -14.59 12.04 -8.02
CA GLU B 194 -15.89 11.76 -7.37
C GLU B 194 -17.05 12.42 -8.12
N SER B 195 -16.76 13.55 -8.80
CA SER B 195 -17.73 14.09 -9.78
C SER B 195 -18.01 13.19 -10.96
N LYS B 196 -17.19 12.14 -11.24
CA LYS B 196 -17.46 11.23 -12.39
C LYS B 196 -17.65 9.75 -12.11
N PHE B 197 -17.43 9.29 -10.90
CA PHE B 197 -17.58 7.86 -10.65
C PHE B 197 -18.17 7.67 -9.27
N ARG B 198 -18.63 6.45 -9.01
CA ARG B 198 -19.05 6.05 -7.68
C ARG B 198 -18.47 4.63 -7.49
N LEU B 199 -18.47 4.24 -6.23
CA LEU B 199 -17.95 2.94 -5.81
C LEU B 199 -19.21 2.00 -5.71
N GLU B 200 -19.13 0.80 -6.17
CA GLU B 200 -20.26 -0.08 -6.00
C GLU B 200 -19.83 -1.44 -5.54
N VAL B 201 -20.53 -2.02 -4.60
CA VAL B 201 -20.15 -3.40 -4.23
C VAL B 201 -20.77 -4.45 -5.15
N LYS B 202 -19.95 -5.27 -5.73
CA LYS B 202 -20.58 -6.34 -6.42
C LYS B 202 -19.96 -7.67 -6.04
N LYS B 203 -18.64 -7.78 -6.02
CA LYS B 203 -18.31 -9.18 -5.86
C LYS B 203 -18.02 -9.68 -4.41
N GLY B 204 -18.80 -9.22 -3.43
CA GLY B 204 -18.21 -8.96 -2.10
C GLY B 204 -17.06 -7.92 -2.31
N ARG B 205 -16.88 -7.43 -3.54
CA ARG B 205 -15.84 -6.42 -3.81
C ARG B 205 -16.20 -5.05 -4.38
N VAL B 206 -15.33 -4.09 -4.13
CA VAL B 206 -15.57 -2.73 -4.44
C VAL B 206 -15.00 -2.42 -5.88
N GLY B 207 -15.85 -1.83 -6.74
CA GLY B 207 -15.48 -1.45 -8.11
C GLY B 207 -15.90 -0.04 -8.50
N LEU B 208 -15.21 0.51 -9.46
CA LEU B 208 -15.48 1.85 -9.93
C LEU B 208 -16.59 1.83 -10.96
N VAL B 209 -17.46 2.80 -10.90
CA VAL B 209 -18.56 2.83 -11.89
C VAL B 209 -18.89 4.25 -12.27
N PRO B 210 -19.08 4.51 -13.58
CA PRO B 210 -19.20 5.87 -14.04
C PRO B 210 -20.54 6.38 -13.46
N LEU B 211 -20.62 7.66 -13.20
CA LEU B 211 -21.76 8.30 -12.57
C LEU B 211 -22.77 8.77 -13.60
C TRS C . -9.73 -6.98 -1.02
C1 TRS C . -10.97 -6.42 -0.33
C2 TRS C . -9.68 -6.55 -2.52
C3 TRS C . -9.86 -8.53 -0.97
N TRS C . -8.58 -6.39 -0.20
O1 TRS C . -12.06 -6.51 -1.16
O2 TRS C . -8.51 -7.06 -3.13
O3 TRS C . -10.26 -8.88 0.37
C TRS D . -15.49 -18.28 9.85
C1 TRS D . -14.23 -17.46 9.90
C2 TRS D . -15.30 -19.59 10.60
C3 TRS D . -15.81 -18.54 8.38
N TRS D . -16.47 -17.42 10.49
O1 TRS D . -13.33 -18.22 9.17
O2 TRS D . -15.85 -20.52 9.72
O3 TRS D . -17.15 -18.83 8.10
C1 PEG E . 3.28 6.02 7.62
O1 PEG E . 2.91 7.14 8.45
C2 PEG E . 4.37 5.15 8.28
O2 PEG E . 3.93 3.77 8.28
C3 PEG E . 3.56 3.35 9.61
C4 PEG E . 3.43 1.83 9.65
O4 PEG E . 4.71 1.20 9.55
C1 PEG F . -8.46 -18.51 3.88
O1 PEG F . -9.56 -17.89 4.56
C2 PEG F . -7.99 -17.45 2.88
O2 PEG F . -6.89 -16.73 3.45
C3 PEG F . -5.73 -17.51 3.14
C4 PEG F . -4.47 -16.87 3.71
O4 PEG F . -3.52 -17.74 4.31
C1 PEG G . -14.70 -2.65 27.09
O1 PEG G . -15.59 -3.55 26.33
C2 PEG G . -13.18 -2.71 26.91
O2 PEG G . -12.55 -3.79 27.63
C3 PEG G . -11.22 -4.24 27.26
C4 PEG G . -10.24 -3.31 28.02
O4 PEG G . -9.24 -4.02 28.79
C TRS H . -0.77 -1.10 -1.75
C1 TRS H . -0.67 0.14 -0.88
C2 TRS H . -0.12 -2.23 -0.92
C3 TRS H . -2.24 -1.45 -2.05
N TRS H . -0.08 -0.93 -3.06
O1 TRS H . -0.20 1.29 -1.55
O2 TRS H . 0.50 -3.21 -1.74
O3 TRS H . -2.83 -0.50 -2.94
C TRS I . 4.47 1.61 -11.23
C1 TRS I . 4.90 2.98 -11.87
C2 TRS I . 5.63 0.59 -11.40
C3 TRS I . 3.26 1.06 -11.98
N TRS I . 4.18 1.81 -9.75
O1 TRS I . 4.02 3.42 -12.87
O2 TRS I . 6.28 0.58 -12.66
O3 TRS I . 2.61 -0.02 -11.34
C TRS J . 12.04 14.28 -17.75
C1 TRS J . 11.30 14.34 -16.42
C2 TRS J . 11.62 13.03 -18.52
C3 TRS J . 11.71 15.47 -18.63
N TRS J . 13.49 14.21 -17.46
O1 TRS J . 9.93 14.60 -16.67
O2 TRS J . 11.58 13.23 -19.92
O3 TRS J . 11.80 16.69 -17.91
#